data_7UDP
#
_entry.id   7UDP
#
_cell.length_a   151.210
_cell.length_b   56.379
_cell.length_c   48.684
_cell.angle_alpha   90.000
_cell.angle_beta   98.390
_cell.angle_gamma   90.000
#
_symmetry.space_group_name_H-M   'C 1 2 1'
#
loop_
_entity.id
_entity.type
_entity.pdbx_description
1 polymer 'Atypical kinase COQ8A, mitochondrial'
2 non-polymer 4-[(3,4,5-trimethoxyphenyl)amino]quinoline-7-carbonitrile
3 water water
#
_entity_poly.entity_id   1
_entity_poly.type   'polypeptide(L)'
_entity_poly.pdbx_seq_one_letter_code
;SSEANAERIVRTLCKVRGAALKLGQMLSIQDDAFINPHLAKIFERVRQSADFMPLKQMMKTLNNDLGPNWRDKLEYFEER
PFAAASIGQVHLARMKGGREVAMKIQYPGVAQSINSDVNNLMAVLNMSNMLPEGLFPEHLIDVLRRELALECDYQREAAC
ARKFRDLLKGHPFFYVPEIVDELCSPHVLTTELVSGFPLDQAEGLSQEIRNEICYNILVLCLRELFEFHFMQTDPNWSNF
FYDPQQHKVALLDFGATREYDRSFTDLYIQIIRAAADRDRETVRAKSIEMKFLTGYEVKVMEDAHLDAILILGEAFASDE
PFDFGTQSTTEKIHNLIPVMLRHRLVPPPEETYSLHRKMGGSFLICSKLKARFPCKAMFEEAYSNYCKRQAQQ
;
_entity_poly.pdbx_strand_id   A
#
loop_
_chem_comp.id
_chem_comp.type
_chem_comp.name
_chem_comp.formula
MVS non-polymer 4-[(3,4,5-trimethoxyphenyl)amino]quinoline-7-carbonitrile 'C19 H17 N3 O3'
#
# COMPACT_ATOMS: atom_id res chain seq x y z
N ALA A 4 -8.15 -29.59 5.31
CA ALA A 4 -8.95 -29.31 6.51
C ALA A 4 -8.31 -28.20 7.33
N ASN A 5 -7.10 -28.46 7.84
CA ASN A 5 -6.37 -27.44 8.57
C ASN A 5 -6.27 -26.16 7.78
N ALA A 6 -6.23 -26.25 6.45
CA ALA A 6 -6.22 -25.08 5.58
C ALA A 6 -7.47 -24.24 5.79
N GLU A 7 -8.63 -24.79 5.44
CA GLU A 7 -9.88 -24.06 5.64
C GLU A 7 -10.09 -23.71 7.10
N ARG A 8 -9.58 -24.55 8.01
CA ARG A 8 -9.66 -24.23 9.44
C ARG A 8 -8.92 -22.93 9.74
N ILE A 9 -7.69 -22.81 9.28
CA ILE A 9 -6.92 -21.59 9.50
C ILE A 9 -7.61 -20.40 8.84
N VAL A 10 -8.03 -20.57 7.58
CA VAL A 10 -8.67 -19.48 6.86
C VAL A 10 -9.85 -18.93 7.65
N ARG A 11 -10.69 -19.84 8.17
CA ARG A 11 -11.87 -19.41 8.91
C ARG A 11 -11.48 -18.59 10.14
N THR A 12 -10.41 -18.97 10.81
CA THR A 12 -9.98 -18.25 12.01
C THR A 12 -9.40 -16.88 11.63
N LEU A 13 -8.58 -16.84 10.58
CA LEU A 13 -7.96 -15.59 10.17
C LEU A 13 -8.97 -14.57 9.67
N CYS A 14 -10.15 -15.02 9.21
CA CYS A 14 -11.16 -14.08 8.73
C CYS A 14 -11.76 -13.29 9.89
N LYS A 15 -11.83 -13.87 11.08
CA LYS A 15 -12.26 -13.13 12.26
C LYS A 15 -11.32 -11.97 12.56
N VAL A 16 -10.11 -11.99 12.04
CA VAL A 16 -9.15 -10.90 12.18
C VAL A 16 -8.62 -10.55 10.80
N ARG A 17 -9.54 -10.27 9.86
CA ARG A 17 -9.16 -10.09 8.47
C ARG A 17 -8.17 -8.94 8.31
N GLY A 18 -8.46 -7.80 8.94
CA GLY A 18 -7.61 -6.63 8.77
C GLY A 18 -6.17 -6.90 9.16
N ALA A 19 -5.96 -7.51 10.33
CA ALA A 19 -4.60 -7.80 10.77
C ALA A 19 -3.91 -8.80 9.85
N ALA A 20 -4.64 -9.83 9.42
CA ALA A 20 -4.04 -10.84 8.55
C ALA A 20 -3.56 -10.22 7.24
N LEU A 21 -4.40 -9.39 6.62
CA LEU A 21 -4.02 -8.78 5.34
C LEU A 21 -2.85 -7.82 5.52
N LYS A 22 -2.92 -6.96 6.55
CA LYS A 22 -1.81 -6.05 6.81
C LYS A 22 -0.52 -6.82 7.06
N LEU A 23 -0.61 -7.98 7.74
CA LEU A 23 0.55 -8.83 7.90
C LEU A 23 1.01 -9.39 6.56
N GLY A 24 0.05 -9.72 5.68
CA GLY A 24 0.41 -10.20 4.36
C GLY A 24 1.19 -9.17 3.56
N GLN A 25 0.77 -7.90 3.64
CA GLN A 25 1.49 -6.85 2.94
C GLN A 25 2.94 -6.75 3.42
N MET A 26 3.15 -6.86 4.73
CA MET A 26 4.49 -6.73 5.29
C MET A 26 5.41 -7.85 4.83
N LEU A 27 4.87 -9.00 4.44
CA LEU A 27 5.67 -10.11 3.95
C LEU A 27 5.45 -10.38 2.46
N SER A 28 4.60 -9.59 1.80
CA SER A 28 4.29 -9.78 0.38
C SER A 28 4.08 -11.24 0.03
N ILE A 29 2.93 -11.78 0.41
CA ILE A 29 2.55 -13.16 0.10
C ILE A 29 3.73 -14.11 0.15
N ASN A 36 8.31 -19.92 0.76
CA ASN A 36 7.13 -19.86 1.61
C ASN A 36 6.29 -21.12 1.47
N PRO A 37 5.48 -21.43 2.49
CA PRO A 37 4.58 -22.59 2.40
C PRO A 37 3.36 -22.29 1.54
N HIS A 38 2.34 -23.13 1.61
CA HIS A 38 1.07 -22.84 0.96
C HIS A 38 0.20 -21.89 1.79
N LEU A 39 0.78 -21.20 2.77
CA LEU A 39 0.07 -20.15 3.49
C LEU A 39 -0.31 -18.98 2.58
N ALA A 40 0.41 -18.80 1.47
CA ALA A 40 0.02 -17.76 0.52
C ALA A 40 -1.40 -17.99 0.01
N LYS A 41 -1.78 -19.25 -0.21
CA LYS A 41 -3.16 -19.56 -0.54
C LYS A 41 -4.09 -19.12 0.58
N ILE A 42 -3.75 -19.47 1.82
CA ILE A 42 -4.58 -19.12 2.97
C ILE A 42 -4.83 -17.61 2.99
N PHE A 43 -3.78 -16.83 2.78
CA PHE A 43 -3.94 -15.38 2.77
C PHE A 43 -4.82 -14.93 1.60
N GLU A 44 -4.63 -15.54 0.43
CA GLU A 44 -5.48 -15.20 -0.71
C GLU A 44 -6.94 -15.52 -0.41
N ARG A 45 -7.20 -16.73 0.09
CA ARG A 45 -8.57 -17.08 0.48
C ARG A 45 -9.14 -16.08 1.47
N VAL A 46 -8.33 -15.67 2.45
CA VAL A 46 -8.76 -14.66 3.40
C VAL A 46 -9.00 -13.34 2.67
N ARG A 47 -8.20 -13.04 1.64
CA ARG A 47 -8.40 -11.82 0.88
C ARG A 47 -9.70 -11.86 0.10
N GLN A 48 -10.14 -13.04 -0.33
CA GLN A 48 -11.41 -13.20 -1.03
C GLN A 48 -12.58 -13.40 -0.08
N SER A 49 -12.32 -13.64 1.20
CA SER A 49 -13.41 -13.90 2.13
C SER A 49 -14.30 -12.67 2.28
N ALA A 50 -15.60 -12.90 2.28
CA ALA A 50 -16.60 -11.83 2.42
C ALA A 50 -17.18 -11.79 3.83
N ASP A 51 -16.31 -11.80 4.83
CA ASP A 51 -16.74 -11.75 6.23
C ASP A 51 -16.99 -10.29 6.60
N PHE A 52 -18.19 -9.82 6.27
CA PHE A 52 -18.60 -8.45 6.54
C PHE A 52 -19.32 -8.37 7.88
N MET A 53 -19.17 -7.23 8.54
CA MET A 53 -19.85 -7.00 9.80
C MET A 53 -21.33 -6.76 9.55
N PRO A 54 -22.22 -7.27 10.42
CA PRO A 54 -23.66 -7.09 10.19
C PRO A 54 -24.02 -5.63 9.96
N LEU A 55 -25.12 -5.42 9.22
CA LEU A 55 -25.57 -4.07 8.94
C LEU A 55 -25.93 -3.33 10.21
N LYS A 56 -26.59 -4.01 11.16
CA LYS A 56 -26.88 -3.41 12.45
C LYS A 56 -25.64 -2.71 13.01
N GLN A 57 -24.50 -3.41 13.02
CA GLN A 57 -23.27 -2.81 13.50
C GLN A 57 -22.89 -1.59 12.66
N MET A 58 -22.99 -1.71 11.34
CA MET A 58 -22.67 -0.57 10.48
C MET A 58 -23.60 0.61 10.79
N MET A 59 -24.89 0.33 10.93
CA MET A 59 -25.85 1.39 11.25
C MET A 59 -25.56 1.98 12.63
N LYS A 60 -24.97 1.20 13.54
CA LYS A 60 -24.60 1.74 14.84
C LYS A 60 -23.52 2.82 14.68
N THR A 61 -22.42 2.50 14.01
CA THR A 61 -21.35 3.46 13.83
C THR A 61 -21.86 4.71 13.12
N LEU A 62 -22.77 4.55 12.15
CA LEU A 62 -23.32 5.69 11.45
C LEU A 62 -24.13 6.58 12.40
N ASN A 63 -25.18 6.01 13.00
CA ASN A 63 -26.00 6.80 13.91
C ASN A 63 -25.20 7.36 15.06
N ASN A 64 -24.13 6.67 15.47
CA ASN A 64 -23.30 7.11 16.58
C ASN A 64 -22.19 8.07 16.15
N ASP A 65 -22.03 8.31 14.84
CA ASP A 65 -21.07 9.29 14.34
C ASP A 65 -21.72 10.34 13.48
N LEU A 66 -22.51 9.94 12.47
CA LEU A 66 -23.19 10.87 11.60
C LEU A 66 -24.53 11.36 12.16
N GLY A 67 -24.97 10.80 13.29
CA GLY A 67 -26.17 11.26 13.94
C GLY A 67 -27.37 10.36 13.69
N PRO A 68 -28.37 10.41 14.57
CA PRO A 68 -29.54 9.54 14.40
C PRO A 68 -30.27 9.77 13.09
N ASN A 69 -30.16 10.96 12.51
CA ASN A 69 -30.84 11.31 11.27
C ASN A 69 -29.91 11.28 10.07
N TRP A 70 -28.93 10.36 10.06
CA TRP A 70 -27.96 10.34 8.98
C TRP A 70 -28.62 10.00 7.65
N ARG A 71 -29.58 9.06 7.65
CA ARG A 71 -30.23 8.67 6.42
C ARG A 71 -31.07 9.80 5.84
N ASP A 72 -31.40 10.81 6.63
CA ASP A 72 -32.10 11.97 6.10
C ASP A 72 -31.26 12.74 5.09
N LYS A 73 -29.95 12.50 5.06
CA LYS A 73 -29.04 13.19 4.17
C LYS A 73 -28.86 12.50 2.84
N LEU A 74 -29.40 11.29 2.67
CA LEU A 74 -29.19 10.50 1.47
C LEU A 74 -30.52 10.19 0.79
N GLU A 75 -30.48 10.13 -0.54
CA GLU A 75 -31.60 9.55 -1.29
C GLU A 75 -31.58 8.03 -1.23
N TYR A 76 -30.39 7.44 -1.08
CA TYR A 76 -30.22 6.00 -1.22
C TYR A 76 -28.96 5.59 -0.49
N PHE A 77 -29.05 4.48 0.25
CA PHE A 77 -27.91 3.87 0.92
C PHE A 77 -27.91 2.40 0.58
N GLU A 78 -26.89 1.96 -0.16
CA GLU A 78 -26.78 0.56 -0.55
C GLU A 78 -26.43 -0.27 0.69
N GLU A 79 -27.31 -1.22 1.03
CA GLU A 79 -27.10 -2.02 2.23
C GLU A 79 -26.07 -3.10 2.02
N ARG A 80 -25.93 -3.62 0.81
CA ARG A 80 -24.91 -4.62 0.52
C ARG A 80 -23.59 -3.92 0.24
N PRO A 81 -22.53 -4.20 1.00
CA PRO A 81 -21.25 -3.51 0.75
C PRO A 81 -20.68 -3.88 -0.60
N PHE A 82 -20.02 -2.91 -1.23
CA PHE A 82 -19.39 -3.16 -2.52
C PHE A 82 -18.14 -4.01 -2.36
N ALA A 83 -17.37 -3.77 -1.30
CA ALA A 83 -16.14 -4.52 -1.04
C ALA A 83 -15.70 -4.21 0.38
N ALA A 84 -14.77 -5.02 0.86
CA ALA A 84 -14.22 -4.87 2.20
C ALA A 84 -12.95 -4.05 2.16
N ALA A 85 -12.83 -3.10 3.07
CA ALA A 85 -11.59 -2.36 3.24
C ALA A 85 -10.68 -3.13 4.19
N SER A 86 -9.54 -2.53 4.52
CA SER A 86 -8.62 -3.17 5.46
C SER A 86 -9.30 -3.45 6.79
N ILE A 87 -10.11 -2.51 7.27
CA ILE A 87 -10.76 -2.63 8.57
C ILE A 87 -12.26 -2.39 8.42
N GLY A 88 -12.65 -1.59 7.44
CA GLY A 88 -14.03 -1.26 7.20
C GLY A 88 -14.57 -1.87 5.91
N GLN A 89 -15.73 -1.36 5.50
CA GLN A 89 -16.37 -1.79 4.26
C GLN A 89 -17.02 -0.59 3.61
N VAL A 90 -17.05 -0.61 2.28
CA VAL A 90 -17.50 0.52 1.48
C VAL A 90 -18.94 0.25 1.02
N HIS A 91 -19.84 1.15 1.39
CA HIS A 91 -21.23 1.12 0.93
C HIS A 91 -21.45 2.30 -0.01
N LEU A 92 -22.02 2.03 -1.18
CA LEU A 92 -22.35 3.09 -2.11
C LEU A 92 -23.67 3.76 -1.71
N ALA A 93 -23.76 5.06 -1.95
CA ALA A 93 -24.93 5.83 -1.57
C ALA A 93 -25.08 7.02 -2.50
N ARG A 94 -26.17 7.75 -2.31
CA ARG A 94 -26.45 8.96 -3.09
C ARG A 94 -27.06 9.99 -2.17
N MET A 95 -26.52 11.20 -2.18
CA MET A 95 -26.96 12.24 -1.27
C MET A 95 -28.25 12.90 -1.78
N LYS A 96 -28.94 13.58 -0.85
CA LYS A 96 -30.24 14.17 -1.16
C LYS A 96 -30.21 15.00 -2.44
N GLY A 97 -29.09 15.65 -2.74
CA GLY A 97 -28.97 16.41 -3.96
C GLY A 97 -28.74 15.60 -5.21
N GLY A 98 -28.57 14.28 -5.09
CA GLY A 98 -28.27 13.42 -6.21
C GLY A 98 -26.80 13.12 -6.39
N ARG A 99 -25.93 13.61 -5.51
CA ARG A 99 -24.50 13.37 -5.62
C ARG A 99 -24.19 11.95 -5.20
N GLU A 100 -23.53 11.20 -6.08
CA GLU A 100 -23.15 9.83 -5.78
C GLU A 100 -21.84 9.81 -5.01
N VAL A 101 -21.81 9.03 -3.93
CA VAL A 101 -20.67 8.97 -3.02
C VAL A 101 -20.40 7.52 -2.65
N ALA A 102 -19.28 7.32 -1.96
CA ALA A 102 -18.90 6.02 -1.42
C ALA A 102 -18.53 6.19 0.04
N MET A 103 -19.16 5.42 0.91
CA MET A 103 -19.01 5.56 2.35
C MET A 103 -18.26 4.35 2.90
N LYS A 104 -17.07 4.57 3.42
CA LYS A 104 -16.28 3.52 4.07
C LYS A 104 -16.55 3.60 5.56
N ILE A 105 -17.28 2.62 6.09
CA ILE A 105 -17.64 2.56 7.49
C ILE A 105 -16.81 1.46 8.15
N GLN A 106 -16.09 1.82 9.21
CA GLN A 106 -15.38 0.84 10.02
C GLN A 106 -16.23 0.46 11.23
N TYR A 107 -15.82 -0.60 11.89
CA TYR A 107 -16.63 -1.18 12.95
C TYR A 107 -16.31 -0.51 14.29
N PRO A 108 -17.21 -0.62 15.26
CA PRO A 108 -16.95 0.03 16.56
C PRO A 108 -15.95 -0.76 17.38
N GLY A 109 -14.94 -0.06 17.91
CA GLY A 109 -13.93 -0.69 18.73
C GLY A 109 -12.84 -1.41 17.97
N VAL A 110 -12.74 -1.20 16.66
CA VAL A 110 -11.66 -1.83 15.89
C VAL A 110 -10.31 -1.42 16.46
N ALA A 111 -10.20 -0.18 16.91
CA ALA A 111 -8.92 0.29 17.46
C ALA A 111 -8.62 -0.36 18.80
N GLN A 112 -9.63 -0.62 19.62
CA GLN A 112 -9.43 -1.29 20.90
C GLN A 112 -9.25 -2.80 20.76
N SER A 113 -9.54 -3.37 19.59
CA SER A 113 -9.39 -4.79 19.36
C SER A 113 -8.08 -5.13 18.65
N ILE A 114 -7.21 -4.14 18.43
CA ILE A 114 -5.98 -4.37 17.66
C ILE A 114 -5.10 -5.39 18.38
N ASN A 115 -4.73 -5.11 19.63
CA ASN A 115 -3.83 -6.01 20.34
C ASN A 115 -4.41 -7.42 20.44
N SER A 116 -5.70 -7.53 20.72
CA SER A 116 -6.31 -8.86 20.83
C SER A 116 -6.30 -9.57 19.48
N ASP A 117 -6.60 -8.85 18.40
CA ASP A 117 -6.63 -9.47 17.07
C ASP A 117 -5.22 -9.87 16.63
N VAL A 118 -4.24 -8.99 16.86
CA VAL A 118 -2.87 -9.29 16.47
C VAL A 118 -2.37 -10.55 17.18
N ASN A 119 -2.64 -10.65 18.48
CA ASN A 119 -2.22 -11.83 19.23
C ASN A 119 -2.92 -13.09 18.72
N ASN A 120 -4.23 -12.99 18.45
CA ASN A 120 -4.95 -14.14 17.90
C ASN A 120 -4.36 -14.55 16.55
N LEU A 121 -4.02 -13.58 15.70
CA LEU A 121 -3.39 -13.88 14.42
C LEU A 121 -2.10 -14.67 14.63
N MET A 122 -1.20 -14.14 15.45
CA MET A 122 0.08 -14.82 15.68
C MET A 122 -0.13 -16.18 16.30
N ALA A 123 -1.08 -16.30 17.22
CA ALA A 123 -1.37 -17.61 17.82
C ALA A 123 -1.80 -18.62 16.77
N VAL A 124 -2.66 -18.20 15.83
CA VAL A 124 -3.08 -19.08 14.76
C VAL A 124 -1.87 -19.50 13.92
N LEU A 125 -1.04 -18.53 13.54
CA LEU A 125 0.09 -18.83 12.66
C LEU A 125 1.13 -19.68 13.37
N ASN A 126 1.50 -19.31 14.59
CA ASN A 126 2.50 -20.09 15.33
C ASN A 126 2.01 -21.53 15.53
N MET A 127 0.75 -21.68 15.94
CA MET A 127 0.19 -23.03 16.09
C MET A 127 0.22 -23.79 14.77
N SER A 128 -0.04 -23.10 13.66
CA SER A 128 -0.06 -23.77 12.36
C SER A 128 1.33 -24.15 11.88
N ASN A 129 2.37 -23.53 12.43
CA ASN A 129 3.75 -23.84 12.07
C ASN A 129 3.98 -23.63 10.57
N MET A 130 3.44 -22.54 10.05
CA MET A 130 3.63 -22.17 8.65
C MET A 130 4.39 -20.86 8.47
N LEU A 131 4.24 -19.91 9.39
CA LEU A 131 4.95 -18.64 9.34
C LEU A 131 6.42 -18.87 9.01
N PRO A 132 7.08 -17.95 8.30
CA PRO A 132 8.54 -18.01 8.21
C PRO A 132 9.21 -17.88 9.56
N GLU A 133 8.46 -17.54 10.61
CA GLU A 133 8.98 -17.49 11.98
C GLU A 133 9.93 -16.30 12.14
N GLY A 134 9.54 -15.15 11.60
CA GLY A 134 10.33 -13.96 11.75
C GLY A 134 10.21 -13.35 13.14
N LEU A 135 11.29 -12.72 13.57
CA LEU A 135 11.39 -12.01 14.85
C LEU A 135 10.04 -11.64 15.46
N GLU A 138 8.58 -10.39 17.88
CA GLU A 138 8.73 -9.18 18.67
C GLU A 138 8.52 -7.94 17.81
N HIS A 139 9.43 -7.73 16.85
CA HIS A 139 9.32 -6.59 15.94
C HIS A 139 8.12 -6.72 15.02
N LEU A 140 7.68 -7.95 14.76
CA LEU A 140 6.54 -8.15 13.87
C LEU A 140 5.25 -7.62 14.49
N ILE A 141 5.11 -7.76 15.81
CA ILE A 141 3.89 -7.30 16.47
C ILE A 141 3.89 -5.78 16.58
N ASP A 142 5.01 -5.20 17.00
CA ASP A 142 5.07 -3.75 17.22
C ASP A 142 4.71 -2.99 15.95
N VAL A 143 5.30 -3.37 14.81
CA VAL A 143 5.01 -2.68 13.56
C VAL A 143 3.58 -2.95 13.13
N LEU A 144 3.05 -4.14 13.41
CA LEU A 144 1.70 -4.47 12.98
C LEU A 144 0.67 -3.64 13.74
N ARG A 145 0.78 -3.58 15.07
CA ARG A 145 -0.13 -2.75 15.84
C ARG A 145 -0.03 -1.30 15.44
N ARG A 146 1.15 -0.85 15.00
CA ARG A 146 1.34 0.54 14.63
C ARG A 146 0.64 0.86 13.32
N GLU A 147 0.77 -0.02 12.31
CA GLU A 147 0.14 0.25 11.03
C GLU A 147 -1.38 0.13 11.11
N LEU A 148 -1.88 -0.78 11.94
CA LEU A 148 -3.33 -0.91 12.09
C LEU A 148 -3.92 0.33 12.76
N ALA A 149 -3.22 0.87 13.77
CA ALA A 149 -3.71 2.08 14.42
C ALA A 149 -3.81 3.23 13.43
N LEU A 150 -2.84 3.34 12.53
CA LEU A 150 -2.86 4.41 11.55
C LEU A 150 -4.06 4.28 10.61
N GLU A 151 -4.36 3.06 10.16
CA GLU A 151 -5.48 2.87 9.25
C GLU A 151 -6.81 3.22 9.89
N CYS A 152 -6.91 3.08 11.23
CA CYS A 152 -8.18 3.33 11.90
C CYS A 152 -8.52 4.82 11.96
N ASP A 153 -7.51 5.68 11.95
CA ASP A 153 -7.71 7.13 12.05
C ASP A 153 -8.19 7.65 10.71
N TYR A 154 -9.50 7.56 10.49
CA TYR A 154 -10.06 8.03 9.22
C TYR A 154 -10.02 9.55 9.11
N GLN A 155 -10.07 10.26 10.23
CA GLN A 155 -9.92 11.71 10.18
C GLN A 155 -8.56 12.09 9.61
N ARG A 156 -7.50 11.41 10.06
CA ARG A 156 -6.19 11.62 9.47
C ARG A 156 -6.18 11.21 8.00
N GLU A 157 -6.79 10.06 7.69
CA GLU A 157 -6.87 9.62 6.29
C GLU A 157 -7.56 10.68 5.43
N ALA A 158 -8.65 11.26 5.92
CA ALA A 158 -9.34 12.29 5.16
C ALA A 158 -8.40 13.46 4.87
N ALA A 159 -7.70 13.94 5.91
CA ALA A 159 -6.77 15.06 5.71
C ALA A 159 -5.72 14.71 4.68
N CYS A 160 -5.15 13.50 4.75
CA CYS A 160 -4.17 13.08 3.76
C CYS A 160 -4.75 13.12 2.36
N ALA A 161 -6.01 12.70 2.21
CA ALA A 161 -6.62 12.69 0.88
C ALA A 161 -6.77 14.10 0.33
N ARG A 162 -7.20 15.05 1.16
CA ARG A 162 -7.33 16.43 0.69
C ARG A 162 -5.98 17.00 0.30
N LYS A 163 -4.92 16.66 1.04
CA LYS A 163 -3.59 17.15 0.71
C LYS A 163 -3.12 16.59 -0.63
N PHE A 164 -3.28 15.27 -0.83
CA PHE A 164 -2.84 14.67 -2.08
C PHE A 164 -3.64 15.18 -3.26
N ARG A 165 -4.95 15.42 -3.07
CA ARG A 165 -5.76 16.00 -4.13
C ARG A 165 -5.18 17.34 -4.58
N ASP A 166 -4.71 18.16 -3.64
CA ASP A 166 -4.10 19.43 -4.00
C ASP A 166 -2.78 19.22 -4.73
N LEU A 167 -1.95 18.29 -4.25
CA LEU A 167 -0.68 18.02 -4.90
C LEU A 167 -0.86 17.60 -6.34
N LEU A 168 -1.96 16.91 -6.65
CA LEU A 168 -2.22 16.42 -8.01
C LEU A 168 -3.15 17.35 -8.78
N LYS A 169 -3.37 18.56 -8.31
CA LYS A 169 -4.25 19.51 -8.99
C LYS A 169 -3.76 19.72 -10.43
N GLY A 170 -4.67 19.51 -11.37
CA GLY A 170 -4.35 19.72 -12.78
C GLY A 170 -3.54 18.62 -13.41
N HIS A 171 -3.48 17.44 -12.79
CA HIS A 171 -2.71 16.34 -13.39
C HIS A 171 -3.51 15.72 -14.53
N PRO A 172 -2.86 15.36 -15.64
CA PRO A 172 -3.61 14.84 -16.79
C PRO A 172 -4.03 13.39 -16.67
N PHE A 173 -3.53 12.65 -15.68
CA PHE A 173 -3.82 11.23 -15.57
C PHE A 173 -4.35 10.82 -14.22
N PHE A 174 -3.78 11.32 -13.14
CA PHE A 174 -4.21 10.96 -11.78
C PHE A 174 -5.15 12.02 -11.22
N TYR A 175 -6.05 11.57 -10.35
CA TYR A 175 -6.90 12.48 -9.59
C TYR A 175 -7.34 11.76 -8.33
N VAL A 176 -7.60 12.53 -7.28
CA VAL A 176 -8.08 12.02 -6.00
C VAL A 176 -9.53 12.44 -5.83
N PRO A 177 -10.45 11.50 -5.58
CA PRO A 177 -11.86 11.92 -5.42
C PRO A 177 -12.02 12.84 -4.23
N GLU A 178 -12.96 13.78 -4.37
CA GLU A 178 -13.17 14.77 -3.33
C GLU A 178 -13.78 14.13 -2.09
N ILE A 179 -13.49 14.72 -0.94
CA ILE A 179 -14.00 14.26 0.34
C ILE A 179 -15.29 14.99 0.65
N VAL A 180 -16.27 14.26 1.16
CA VAL A 180 -17.57 14.84 1.56
C VAL A 180 -17.49 15.01 3.08
N ASP A 181 -17.05 16.20 3.51
CA ASP A 181 -16.92 16.46 4.95
C ASP A 181 -18.23 16.22 5.68
N GLU A 182 -19.37 16.50 5.04
CA GLU A 182 -20.65 16.32 5.70
C GLU A 182 -20.84 14.88 6.16
N LEU A 183 -20.18 13.92 5.51
CA LEU A 183 -20.35 12.50 5.79
C LEU A 183 -19.06 11.85 6.25
N CYS A 184 -18.20 12.60 6.93
CA CYS A 184 -16.95 12.08 7.46
C CYS A 184 -16.97 12.15 8.98
N SER A 185 -16.15 11.29 9.60
CA SER A 185 -16.13 11.11 11.04
C SER A 185 -14.91 10.26 11.41
N PRO A 186 -14.70 9.94 12.69
CA PRO A 186 -13.56 9.08 13.03
C PRO A 186 -13.72 7.66 12.52
N HIS A 187 -14.96 7.19 12.36
CA HIS A 187 -15.23 5.83 11.94
C HIS A 187 -15.86 5.76 10.55
N VAL A 188 -16.00 6.90 9.86
CA VAL A 188 -16.64 6.95 8.56
C VAL A 188 -15.89 7.92 7.68
N LEU A 189 -15.57 7.50 6.46
CA LEU A 189 -14.90 8.33 5.47
C LEU A 189 -15.66 8.23 4.16
N THR A 190 -16.10 9.36 3.62
CA THR A 190 -16.94 9.40 2.44
C THR A 190 -16.26 10.22 1.35
N THR A 191 -16.27 9.70 0.13
CA THR A 191 -15.69 10.37 -1.02
C THR A 191 -16.70 10.35 -2.17
N GLU A 192 -16.40 11.13 -3.20
CA GLU A 192 -17.20 11.11 -4.42
C GLU A 192 -17.04 9.76 -5.11
N LEU A 193 -18.11 9.32 -5.77
CA LEU A 193 -18.06 8.10 -6.55
C LEU A 193 -17.08 8.28 -7.72
N VAL A 194 -16.37 7.22 -8.05
CA VAL A 194 -15.44 7.22 -9.19
C VAL A 194 -15.88 6.15 -10.17
N SER A 195 -15.79 6.47 -11.46
CA SER A 195 -16.10 5.51 -12.50
C SER A 195 -14.86 4.71 -12.84
N GLY A 196 -15.03 3.40 -13.00
CA GLY A 196 -13.95 2.50 -13.32
C GLY A 196 -13.85 1.37 -12.32
N PHE A 197 -12.77 0.62 -12.43
CA PHE A 197 -12.55 -0.58 -11.64
C PHE A 197 -11.15 -0.57 -11.05
N PRO A 198 -10.95 -1.23 -9.91
CA PRO A 198 -9.60 -1.30 -9.34
C PRO A 198 -8.67 -2.11 -10.24
N LEU A 199 -7.39 -1.75 -10.20
CA LEU A 199 -6.41 -2.45 -11.01
C LEU A 199 -6.34 -3.94 -10.67
N ASP A 200 -6.95 -4.36 -9.56
CA ASP A 200 -7.15 -5.78 -9.31
C ASP A 200 -7.71 -6.48 -10.55
N GLN A 201 -8.66 -5.83 -11.22
CA GLN A 201 -9.40 -6.41 -12.33
C GLN A 201 -8.92 -5.88 -13.68
N ALA A 202 -7.71 -5.38 -13.75
CA ALA A 202 -7.17 -4.79 -14.97
C ALA A 202 -6.16 -5.69 -15.68
N GLU A 203 -5.94 -6.91 -15.18
CA GLU A 203 -5.02 -7.82 -15.87
C GLU A 203 -5.48 -8.08 -17.30
N GLY A 204 -6.79 -8.11 -17.53
CA GLY A 204 -7.34 -8.35 -18.84
C GLY A 204 -7.35 -7.16 -19.78
N LEU A 205 -6.72 -6.06 -19.39
CA LEU A 205 -6.66 -4.90 -20.26
C LEU A 205 -5.53 -5.06 -21.28
N SER A 206 -5.53 -4.18 -22.27
CA SER A 206 -4.51 -4.21 -23.30
C SER A 206 -3.12 -4.02 -22.70
N GLN A 207 -2.13 -4.67 -23.31
CA GLN A 207 -0.75 -4.43 -22.93
C GLN A 207 -0.38 -2.95 -23.07
N GLU A 208 -1.08 -2.24 -23.96
CA GLU A 208 -0.79 -0.83 -24.18
C GLU A 208 -1.35 0.03 -23.04
N ILE A 209 -2.55 -0.29 -22.56
CA ILE A 209 -3.11 0.46 -21.43
C ILE A 209 -2.32 0.17 -20.16
N ARG A 210 -1.98 -1.09 -19.92
CA ARG A 210 -1.30 -1.44 -18.68
C ARG A 210 0.10 -0.85 -18.62
N ASN A 211 0.73 -0.60 -19.77
CA ASN A 211 2.07 -0.01 -19.77
C ASN A 211 2.01 1.46 -19.38
N GLU A 212 0.99 2.19 -19.85
CA GLU A 212 0.89 3.60 -19.50
C GLU A 212 0.38 3.81 -18.08
N ILE A 213 -0.48 2.93 -17.60
CA ILE A 213 -0.91 3.00 -16.20
C ILE A 213 0.29 2.85 -15.28
N CYS A 214 1.10 1.82 -15.50
CA CYS A 214 2.23 1.55 -14.62
C CYS A 214 3.35 2.56 -14.80
N TYR A 215 3.56 3.04 -16.03
CA TYR A 215 4.56 4.09 -16.24
C TYR A 215 4.24 5.31 -15.39
N ASN A 216 2.97 5.75 -15.42
CA ASN A 216 2.57 6.92 -14.64
C ASN A 216 2.61 6.63 -13.15
N ILE A 217 2.36 5.38 -12.75
CA ILE A 217 2.41 5.04 -11.33
C ILE A 217 3.85 5.11 -10.82
N LEU A 218 4.81 4.66 -11.63
CA LEU A 218 6.19 4.69 -11.18
C LEU A 218 6.74 6.11 -11.16
N VAL A 219 6.34 6.95 -12.12
CA VAL A 219 6.71 8.35 -12.06
C VAL A 219 6.12 9.00 -10.82
N LEU A 220 4.85 8.71 -10.53
CA LEU A 220 4.24 9.21 -9.30
C LEU A 220 5.00 8.71 -8.08
N CYS A 221 5.42 7.44 -8.10
CA CYS A 221 6.19 6.90 -6.99
C CYS A 221 7.44 7.72 -6.74
N LEU A 222 8.16 8.09 -7.81
CA LEU A 222 9.37 8.89 -7.66
C LEU A 222 9.06 10.26 -7.08
N ARG A 223 7.93 10.85 -7.48
CA ARG A 223 7.54 12.15 -6.95
C ARG A 223 7.13 12.04 -5.48
N GLU A 224 6.35 11.01 -5.13
CA GLU A 224 5.96 10.82 -3.74
C GLU A 224 7.20 10.69 -2.85
N LEU A 225 8.24 10.00 -3.34
CA LEU A 225 9.43 9.75 -2.55
C LEU A 225 10.32 10.98 -2.45
N PHE A 226 10.61 11.62 -3.58
CA PHE A 226 11.66 12.61 -3.66
C PHE A 226 11.18 14.03 -3.94
N GLU A 227 9.89 14.23 -4.17
CA GLU A 227 9.34 15.56 -4.38
C GLU A 227 8.30 15.93 -3.34
N PHE A 228 7.30 15.07 -3.13
CA PHE A 228 6.28 15.34 -2.13
C PHE A 228 6.77 15.02 -0.72
N HIS A 229 7.51 13.93 -0.57
CA HIS A 229 7.85 13.39 0.75
C HIS A 229 6.58 13.07 1.53
N PHE A 230 5.61 12.48 0.84
CA PHE A 230 4.26 12.25 1.37
C PHE A 230 3.69 11.07 0.59
N MET A 231 3.89 9.87 1.13
CA MET A 231 3.69 8.64 0.37
C MET A 231 2.89 7.63 1.17
N GLN A 232 2.25 6.71 0.45
CA GLN A 232 1.62 5.54 1.04
C GLN A 232 2.70 4.50 1.33
N THR A 233 2.63 3.91 2.51
CA THR A 233 3.65 2.93 2.89
C THR A 233 3.58 1.69 1.99
N ASP A 234 2.42 1.04 1.92
CA ASP A 234 2.25 -0.19 1.16
C ASP A 234 1.32 0.04 -0.02
N PRO A 235 1.85 0.25 -1.24
CA PRO A 235 0.97 0.38 -2.40
C PRO A 235 0.16 -0.88 -2.62
N ASN A 236 -1.12 -0.71 -2.92
CA ASN A 236 -2.05 -1.81 -3.15
C ASN A 236 -2.84 -1.52 -4.42
N TRP A 237 -2.62 -2.33 -5.45
CA TRP A 237 -3.28 -2.09 -6.74
C TRP A 237 -4.80 -2.23 -6.64
N SER A 238 -5.32 -2.75 -5.53
CA SER A 238 -6.77 -2.80 -5.36
C SER A 238 -7.36 -1.42 -5.09
N ASN A 239 -6.53 -0.45 -4.68
CA ASN A 239 -6.99 0.88 -4.34
C ASN A 239 -6.69 1.91 -5.43
N PHE A 240 -6.24 1.47 -6.60
CA PHE A 240 -6.08 2.31 -7.78
C PHE A 240 -7.21 1.96 -8.75
N PHE A 241 -8.11 2.91 -8.96
CA PHE A 241 -9.24 2.73 -9.87
C PHE A 241 -8.92 3.33 -11.22
N TYR A 242 -9.07 2.54 -12.29
CA TYR A 242 -8.83 2.99 -13.65
C TYR A 242 -10.16 3.28 -14.33
N ASP A 243 -10.29 4.50 -14.86
CA ASP A 243 -11.51 4.93 -15.56
C ASP A 243 -11.27 4.80 -17.06
N PRO A 244 -11.78 3.75 -17.71
CA PRO A 244 -11.48 3.58 -19.15
C PRO A 244 -12.03 4.70 -20.01
N GLN A 245 -13.19 5.26 -19.66
CA GLN A 245 -13.77 6.33 -20.47
C GLN A 245 -12.86 7.55 -20.50
N GLN A 246 -12.44 8.03 -19.33
CA GLN A 246 -11.60 9.22 -19.24
C GLN A 246 -10.12 8.91 -19.39
N HIS A 247 -9.71 7.64 -19.38
CA HIS A 247 -8.31 7.26 -19.40
C HIS A 247 -7.56 7.96 -18.26
N LYS A 248 -8.05 7.74 -17.05
CA LYS A 248 -7.44 8.30 -15.86
C LYS A 248 -7.52 7.29 -14.73
N VAL A 249 -6.67 7.49 -13.73
CA VAL A 249 -6.62 6.63 -12.55
C VAL A 249 -7.00 7.45 -11.33
N ALA A 250 -7.99 6.96 -10.58
CA ALA A 250 -8.38 7.59 -9.32
C ALA A 250 -7.59 6.95 -8.19
N LEU A 251 -7.04 7.80 -7.31
CA LEU A 251 -6.20 7.34 -6.22
C LEU A 251 -7.02 7.31 -4.94
N LEU A 252 -7.18 6.11 -4.36
CA LEU A 252 -7.88 5.93 -3.09
C LEU A 252 -7.01 5.21 -2.06
N ASP A 253 -5.69 5.16 -2.29
CA ASP A 253 -4.76 4.45 -1.43
C ASP A 253 -4.00 5.50 -0.60
N PHE A 254 -4.63 5.96 0.48
CA PHE A 254 -4.02 6.94 1.37
C PHE A 254 -4.37 6.64 2.82
N GLY A 255 -4.35 5.37 3.19
CA GLY A 255 -4.66 4.96 4.55
C GLY A 255 -3.45 4.86 5.45
N ALA A 256 -2.28 4.60 4.86
CA ALA A 256 -1.05 4.49 5.63
C ALA A 256 -0.04 5.53 5.17
N THR A 257 -0.50 6.78 5.04
CA THR A 257 0.35 7.84 4.51
C THR A 257 1.21 8.45 5.61
N ARG A 258 2.43 8.83 5.24
CA ARG A 258 3.37 9.43 6.18
C ARG A 258 4.23 10.45 5.45
N GLU A 259 4.86 11.33 6.23
CA GLU A 259 5.81 12.30 5.71
C GLU A 259 7.22 11.94 6.18
N TYR A 260 8.20 12.45 5.45
CA TYR A 260 9.60 12.20 5.77
C TYR A 260 10.41 13.45 5.45
N ASP A 261 11.50 13.62 6.22
CA ASP A 261 12.39 14.75 5.99
C ASP A 261 13.04 14.64 4.61
N ARG A 262 13.17 15.78 3.93
CA ARG A 262 13.81 15.77 2.62
C ARG A 262 15.24 15.23 2.71
N SER A 263 15.92 15.45 3.84
CA SER A 263 17.26 14.89 4.00
C SER A 263 17.22 13.38 4.07
N PHE A 264 16.17 12.80 4.67
CA PHE A 264 16.08 11.35 4.76
C PHE A 264 15.80 10.72 3.40
N THR A 265 14.84 11.28 2.66
CA THR A 265 14.59 10.80 1.31
C THR A 265 15.74 11.12 0.37
N ASP A 266 16.57 12.10 0.70
CA ASP A 266 17.74 12.39 -0.12
C ASP A 266 18.80 11.31 0.01
N LEU A 267 18.89 10.65 1.18
CA LEU A 267 19.78 9.51 1.29
C LEU A 267 19.30 8.35 0.42
N TYR A 268 17.98 8.18 0.30
CA TYR A 268 17.46 7.07 -0.48
C TYR A 268 17.69 7.29 -1.98
N ILE A 269 17.58 8.53 -2.45
CA ILE A 269 17.79 8.78 -3.87
C ILE A 269 19.26 8.60 -4.22
N GLN A 270 20.16 8.89 -3.29
CA GLN A 270 21.57 8.61 -3.53
C GLN A 270 21.80 7.11 -3.69
N ILE A 271 21.06 6.30 -2.93
CA ILE A 271 21.17 4.85 -3.07
C ILE A 271 20.69 4.41 -4.44
N ILE A 272 19.54 4.93 -4.88
CA ILE A 272 19.02 4.57 -6.20
C ILE A 272 19.98 5.05 -7.29
N ARG A 273 20.51 6.26 -7.12
CA ARG A 273 21.54 6.74 -8.04
C ARG A 273 22.68 5.74 -8.14
N ALA A 274 23.26 5.36 -7.00
CA ALA A 274 24.38 4.42 -7.00
C ALA A 274 23.96 3.07 -7.56
N ALA A 275 22.74 2.62 -7.24
CA ALA A 275 22.26 1.34 -7.75
C ALA A 275 22.22 1.34 -9.27
N ALA A 276 21.69 2.42 -9.88
CA ALA A 276 21.66 2.51 -11.33
C ALA A 276 23.06 2.64 -11.91
N ASP A 277 24.00 3.18 -11.14
CA ASP A 277 25.39 3.31 -11.56
C ASP A 277 26.23 2.08 -11.25
N ARG A 278 25.62 1.03 -10.69
CA ARG A 278 26.35 -0.20 -10.35
C ARG A 278 27.51 0.08 -9.41
N ASP A 279 27.32 1.04 -8.52
CA ASP A 279 28.31 1.40 -7.50
C ASP A 279 27.91 0.72 -6.21
N ARG A 280 28.34 -0.54 -6.04
CA ARG A 280 27.92 -1.33 -4.90
C ARG A 280 28.38 -0.70 -3.58
N GLU A 281 29.59 -0.12 -3.57
CA GLU A 281 30.12 0.43 -2.32
C GLU A 281 29.28 1.61 -1.84
N THR A 282 28.88 2.50 -2.74
CA THR A 282 28.05 3.63 -2.32
C THR A 282 26.67 3.17 -1.88
N VAL A 283 26.12 2.15 -2.54
CA VAL A 283 24.87 1.56 -2.08
C VAL A 283 25.03 1.03 -0.67
N ARG A 284 26.17 0.40 -0.38
CA ARG A 284 26.43 -0.11 0.97
C ARG A 284 26.60 1.03 1.96
N ALA A 285 27.45 2.01 1.62
CA ALA A 285 27.74 3.10 2.54
C ALA A 285 26.46 3.88 2.89
N LYS A 286 25.72 4.33 1.89
CA LYS A 286 24.50 5.07 2.15
C LYS A 286 23.44 4.19 2.80
N SER A 287 23.43 2.89 2.50
CA SER A 287 22.51 1.98 3.17
C SER A 287 22.78 1.96 4.68
N ILE A 288 24.06 1.91 5.06
CA ILE A 288 24.40 1.96 6.49
C ILE A 288 23.97 3.31 7.08
N GLU A 289 24.16 4.39 6.32
CA GLU A 289 23.79 5.71 6.82
C GLU A 289 22.29 5.79 7.10
N MET A 290 21.48 5.15 6.26
CA MET A 290 20.04 5.11 6.46
C MET A 290 19.60 4.07 7.48
N LYS A 291 20.53 3.28 8.01
CA LYS A 291 20.27 2.22 8.97
C LYS A 291 19.56 1.02 8.34
N PHE A 292 19.46 0.98 7.01
CA PHE A 292 19.15 -0.28 6.33
C PHE A 292 20.03 -1.39 6.88
N LEU A 293 21.33 -1.11 7.00
CA LEU A 293 22.31 -2.04 7.53
C LEU A 293 23.02 -1.39 8.72
N THR A 294 23.50 -2.23 9.63
CA THR A 294 24.27 -1.75 10.77
C THR A 294 25.77 -1.66 10.47
N GLY A 295 26.24 -2.31 9.41
CA GLY A 295 27.64 -2.35 9.07
C GLY A 295 28.35 -3.62 9.48
N TYR A 296 27.74 -4.42 10.36
CA TYR A 296 28.34 -5.68 10.80
C TYR A 296 27.40 -6.87 10.58
N GLU A 297 26.46 -6.76 9.65
CA GLU A 297 25.71 -7.94 9.23
C GLU A 297 26.65 -8.95 8.58
N VAL A 298 26.35 -10.23 8.79
CA VAL A 298 27.18 -11.27 8.20
C VAL A 298 27.20 -11.09 6.68
N LYS A 299 28.28 -11.59 6.05
CA LYS A 299 28.49 -11.35 4.62
C LYS A 299 27.27 -11.71 3.79
N VAL A 300 26.55 -12.76 4.17
CA VAL A 300 25.43 -13.22 3.35
C VAL A 300 24.22 -12.32 3.54
N MET A 301 23.99 -11.85 4.76
CA MET A 301 22.86 -10.96 5.01
C MET A 301 23.06 -9.62 4.30
N GLU A 302 24.28 -9.09 4.32
CA GLU A 302 24.57 -7.86 3.61
C GLU A 302 24.48 -8.06 2.11
N ASP A 303 24.98 -9.18 1.61
CA ASP A 303 24.90 -9.45 0.17
C ASP A 303 23.47 -9.72 -0.28
N ALA A 304 22.66 -10.32 0.59
CA ALA A 304 21.25 -10.53 0.25
C ALA A 304 20.51 -9.21 0.10
N HIS A 305 20.88 -8.20 0.91
CA HIS A 305 20.25 -6.90 0.80
C HIS A 305 20.76 -6.14 -0.42
N LEU A 306 22.08 -6.14 -0.63
CA LEU A 306 22.65 -5.46 -1.79
C LEU A 306 22.20 -6.12 -3.09
N ASP A 307 22.08 -7.46 -3.09
CA ASP A 307 21.62 -8.15 -4.29
C ASP A 307 20.17 -7.80 -4.60
N ALA A 308 19.30 -7.83 -3.58
CA ALA A 308 17.89 -7.52 -3.79
C ALA A 308 17.69 -6.12 -4.38
N ILE A 309 18.66 -5.22 -4.20
CA ILE A 309 18.53 -3.86 -4.73
C ILE A 309 18.96 -3.76 -6.18
N LEU A 310 19.73 -4.74 -6.69
CA LEU A 310 20.21 -4.65 -8.06
C LEU A 310 19.08 -4.50 -9.06
N ILE A 311 17.94 -5.15 -8.79
CA ILE A 311 16.83 -5.08 -9.73
C ILE A 311 16.38 -3.64 -9.93
N LEU A 312 16.37 -2.85 -8.85
CA LEU A 312 15.97 -1.45 -8.96
C LEU A 312 16.95 -0.67 -9.84
N GLY A 313 18.24 -0.81 -9.55
CA GLY A 313 19.24 -0.13 -10.37
C GLY A 313 19.19 -0.58 -11.83
N GLU A 314 18.85 -1.85 -12.06
CA GLU A 314 18.77 -2.36 -13.43
C GLU A 314 17.74 -1.58 -14.24
N ALA A 315 16.55 -1.40 -13.68
CA ALA A 315 15.48 -0.71 -14.41
C ALA A 315 15.83 0.75 -14.66
N PHE A 316 16.16 1.49 -13.60
CA PHE A 316 16.42 2.91 -13.72
C PHE A 316 17.68 3.23 -14.52
N ALA A 317 18.52 2.23 -14.82
CA ALA A 317 19.71 2.43 -15.61
C ALA A 317 19.53 2.06 -17.08
N SER A 318 18.40 1.45 -17.44
CA SER A 318 18.17 0.96 -18.78
C SER A 318 17.35 1.99 -19.56
N ASP A 319 17.97 2.56 -20.59
CA ASP A 319 17.22 3.39 -21.54
C ASP A 319 16.36 2.54 -22.46
N GLU A 320 16.49 1.22 -22.41
CA GLU A 320 15.60 0.30 -23.13
C GLU A 320 14.44 -0.11 -22.23
N PRO A 321 13.38 -0.65 -22.81
CA PRO A 321 12.22 -1.05 -21.99
C PRO A 321 12.60 -2.10 -20.96
N PHE A 322 12.02 -1.99 -19.77
CA PHE A 322 12.26 -2.92 -18.67
C PHE A 322 10.98 -3.73 -18.45
N ASP A 323 11.10 -5.06 -18.50
CA ASP A 323 9.95 -5.95 -18.38
C ASP A 323 9.79 -6.37 -16.92
N PHE A 324 8.76 -5.85 -16.26
CA PHE A 324 8.51 -6.16 -14.86
C PHE A 324 7.81 -7.51 -14.68
N GLY A 325 7.20 -8.06 -15.72
CA GLY A 325 6.38 -9.25 -15.62
C GLY A 325 7.07 -10.56 -15.89
N THR A 326 8.37 -10.56 -16.15
CA THR A 326 9.07 -11.81 -16.39
C THR A 326 9.14 -12.64 -15.11
N GLN A 327 9.26 -13.95 -15.28
CA GLN A 327 9.36 -14.83 -14.12
C GLN A 327 10.52 -14.43 -13.23
N SER A 328 11.67 -14.12 -13.83
CA SER A 328 12.84 -13.74 -13.05
C SER A 328 12.59 -12.41 -12.33
N THR A 329 12.36 -11.34 -13.09
CA THR A 329 12.15 -10.03 -12.49
C THR A 329 11.01 -10.06 -11.48
N THR A 330 9.96 -10.83 -11.76
CA THR A 330 8.84 -10.92 -10.82
C THR A 330 9.29 -11.49 -9.49
N GLU A 331 10.13 -12.53 -9.51
CA GLU A 331 10.61 -13.14 -8.28
C GLU A 331 11.48 -12.16 -7.50
N LYS A 332 12.37 -11.44 -8.18
CA LYS A 332 13.21 -10.48 -7.49
C LYS A 332 12.39 -9.35 -6.89
N ILE A 333 11.31 -8.96 -7.56
CA ILE A 333 10.46 -7.89 -7.04
C ILE A 333 9.73 -8.35 -5.79
N HIS A 334 9.36 -9.63 -5.72
CA HIS A 334 8.69 -10.17 -4.54
C HIS A 334 9.66 -10.43 -3.39
N ASN A 335 10.96 -10.41 -3.65
CA ASN A 335 11.96 -10.57 -2.60
C ASN A 335 12.49 -9.22 -2.10
N LEU A 336 11.90 -8.11 -2.55
CA LEU A 336 12.29 -6.78 -2.06
C LEU A 336 11.95 -6.57 -0.60
N ILE A 337 11.54 -7.62 0.12
CA ILE A 337 11.41 -7.57 1.57
C ILE A 337 12.43 -8.51 2.20
N PRO A 338 13.73 -8.37 1.92
CA PRO A 338 14.73 -9.06 2.75
C PRO A 338 15.00 -8.32 4.05
N VAL A 339 14.28 -7.22 4.26
CA VAL A 339 14.52 -6.33 5.38
C VAL A 339 14.14 -6.95 6.72
N MET A 340 13.39 -8.04 6.71
CA MET A 340 12.92 -8.71 7.91
C MET A 340 13.55 -10.09 8.11
N LEU A 341 13.71 -10.87 7.04
CA LEU A 341 14.25 -12.22 7.16
C LEU A 341 15.60 -12.19 7.86
N ARG A 342 15.72 -12.97 8.93
CA ARG A 342 16.96 -13.11 9.70
C ARG A 342 17.66 -11.76 9.84
N HIS A 343 16.93 -10.82 10.43
CA HIS A 343 17.35 -9.41 10.44
C HIS A 343 16.79 -8.73 11.69
N ARG A 344 17.53 -8.84 12.79
CA ARG A 344 17.15 -8.16 14.03
C ARG A 344 18.14 -7.05 14.37
N VAL A 346 18.50 -1.53 17.43
CA VAL A 346 17.51 -0.74 16.71
C VAL A 346 17.18 -1.44 15.39
N PRO A 347 15.94 -1.93 15.24
CA PRO A 347 15.57 -2.60 13.99
C PRO A 347 15.71 -1.67 12.81
N PRO A 348 15.47 -2.14 11.59
CA PRO A 348 15.39 -1.24 10.45
C PRO A 348 14.38 -0.15 10.74
N PRO A 349 14.82 1.08 11.00
CA PRO A 349 13.89 2.11 11.48
C PRO A 349 12.65 2.19 10.59
N GLU A 350 11.48 2.22 11.24
CA GLU A 350 10.22 2.16 10.51
C GLU A 350 10.16 3.18 9.37
N GLU A 351 10.96 4.25 9.44
CA GLU A 351 11.02 5.19 8.32
C GLU A 351 11.75 4.56 7.13
N THR A 352 12.87 3.89 7.40
CA THR A 352 13.59 3.20 6.32
C THR A 352 12.75 2.07 5.74
N TYR A 353 12.10 1.29 6.61
CA TYR A 353 11.25 0.20 6.15
C TYR A 353 10.20 0.68 5.16
N SER A 354 9.60 1.84 5.42
CA SER A 354 8.50 2.31 4.59
C SER A 354 8.99 2.83 3.24
N LEU A 355 10.17 3.46 3.19
CA LEU A 355 10.67 3.98 1.93
C LEU A 355 10.95 2.87 0.93
N HIS A 356 11.72 1.85 1.35
CA HIS A 356 11.99 0.72 0.45
C HIS A 356 10.73 -0.07 0.14
N ARG A 357 9.72 0.05 1.00
CA ARG A 357 8.44 -0.63 0.80
C ARG A 357 7.58 0.11 -0.21
N LYS A 358 7.75 1.43 -0.31
CA LYS A 358 7.05 2.21 -1.34
C LYS A 358 7.63 1.91 -2.71
N MET A 359 8.96 1.96 -2.85
CA MET A 359 9.59 1.63 -4.12
C MET A 359 9.26 0.22 -4.55
N GLY A 360 9.46 -0.76 -3.66
CA GLY A 360 9.22 -2.14 -4.01
C GLY A 360 7.76 -2.43 -4.33
N GLY A 361 6.85 -1.86 -3.52
CA GLY A 361 5.43 -2.04 -3.80
C GLY A 361 5.01 -1.45 -5.13
N SER A 362 5.71 -0.42 -5.59
CA SER A 362 5.41 0.17 -6.90
C SER A 362 5.89 -0.74 -8.02
N PHE A 363 7.13 -1.23 -7.93
CA PHE A 363 7.60 -2.25 -8.86
C PHE A 363 6.67 -3.46 -8.86
N LEU A 364 6.10 -3.80 -7.70
CA LEU A 364 5.21 -4.95 -7.63
C LEU A 364 3.98 -4.76 -8.50
N ILE A 365 3.38 -3.57 -8.43
CA ILE A 365 2.21 -3.29 -9.28
C ILE A 365 2.60 -3.39 -10.75
N CYS A 366 3.77 -2.89 -11.10
CA CYS A 366 4.23 -2.99 -12.49
C CYS A 366 4.42 -4.44 -12.91
N SER A 367 4.82 -5.31 -11.98
CA SER A 367 5.06 -6.71 -12.30
C SER A 367 3.75 -7.47 -12.42
N LYS A 368 2.83 -7.28 -11.47
CA LYS A 368 1.57 -8.01 -11.51
C LYS A 368 0.75 -7.66 -12.75
N LEU A 369 0.87 -6.43 -13.23
CA LEU A 369 0.19 -6.03 -14.46
C LEU A 369 1.02 -6.27 -15.71
N LYS A 370 2.12 -7.04 -15.59
CA LYS A 370 2.98 -7.38 -16.72
C LYS A 370 3.28 -6.16 -17.59
N ALA A 371 3.77 -5.11 -16.95
CA ALA A 371 4.10 -3.87 -17.64
C ALA A 371 5.52 -3.92 -18.19
N ARG A 372 5.76 -3.09 -19.21
CA ARG A 372 7.07 -3.03 -19.86
C ARG A 372 7.23 -1.64 -20.45
N PHE A 373 8.24 -0.90 -19.99
CA PHE A 373 8.48 0.45 -20.45
C PHE A 373 9.88 0.87 -19.98
N PRO A 374 10.44 1.91 -20.59
CA PRO A 374 11.74 2.42 -20.12
C PRO A 374 11.60 3.17 -18.80
N CYS A 375 12.66 3.12 -18.00
CA CYS A 375 12.66 3.72 -16.67
C CYS A 375 13.79 4.73 -16.45
N LYS A 376 14.77 4.81 -17.35
CA LYS A 376 15.90 5.70 -17.13
C LYS A 376 15.47 7.16 -17.21
N ALA A 377 14.59 7.50 -18.15
CA ALA A 377 14.20 8.89 -18.34
C ALA A 377 13.55 9.46 -17.08
N MET A 378 12.63 8.72 -16.47
CA MET A 378 11.89 9.25 -15.33
C MET A 378 12.79 9.45 -14.12
N PHE A 379 13.78 8.58 -13.92
CA PHE A 379 14.65 8.74 -12.76
C PHE A 379 15.64 9.89 -12.95
N GLU A 380 16.25 9.98 -14.14
CA GLU A 380 17.13 11.12 -14.42
C GLU A 380 16.40 12.43 -14.21
N GLU A 381 15.12 12.48 -14.55
CA GLU A 381 14.32 13.67 -14.26
C GLU A 381 14.17 13.86 -12.76
N ALA A 382 13.89 12.80 -12.01
CA ALA A 382 13.75 12.91 -10.57
C ALA A 382 15.08 13.29 -9.92
N TYR A 383 16.18 12.68 -10.36
CA TYR A 383 17.48 13.01 -9.79
C TYR A 383 17.90 14.43 -10.17
N SER A 384 17.52 14.89 -11.37
CA SER A 384 17.83 16.26 -11.76
C SER A 384 17.17 17.26 -10.81
N ASN A 385 15.87 17.09 -10.56
CA ASN A 385 15.19 17.97 -9.63
C ASN A 385 15.86 17.95 -8.25
N TYR A 386 16.32 16.78 -7.82
CA TYR A 386 17.04 16.69 -6.56
C TYR A 386 18.27 17.58 -6.57
N CYS A 387 19.12 17.44 -7.60
CA CYS A 387 20.32 18.27 -7.69
C CYS A 387 20.00 19.75 -7.72
N LYS A 388 18.86 20.12 -8.33
CA LYS A 388 18.46 21.53 -8.34
C LYS A 388 18.17 22.02 -6.93
N ARG A 389 17.33 21.30 -6.19
CA ARG A 389 17.07 21.66 -4.80
C ARG A 389 18.36 21.77 -4.00
N GLN A 390 19.37 21.00 -4.36
CA GLN A 390 20.65 21.02 -3.67
C GLN A 390 21.51 22.18 -4.16
C10 MVS B . -9.61 1.76 -0.98
C13 MVS B . -13.24 4.71 0.00
C15 MVS B . -13.98 4.25 -1.07
C17 MVS B . -15.27 5.66 -4.94
C01 MVS B . -18.17 1.38 -8.00
C02 MVS B . -17.32 1.91 -6.97
C03 MVS B . -16.76 1.07 -6.01
C04 MVS B . -15.96 1.57 -5.01
C05 MVS B . -15.68 2.96 -4.93
C06 MVS B . -14.85 3.55 -3.92
C07 MVS B . -13.50 3.19 -1.84
C08 MVS B . -12.28 2.59 -1.52
C09 MVS B . -11.54 3.04 -0.45
C11 MVS B . -12.02 4.11 0.32
C12 MVS B . -10.50 5.72 1.17
C14 MVS B . -14.94 6.23 0.67
C16 MVS B . -14.67 4.91 -3.95
C18 MVS B . -16.26 3.82 -5.89
C19 MVS B . -17.07 3.27 -6.91
N01 MVS B . -18.81 0.96 -8.84
N02 MVS B . -14.26 2.73 -2.94
N03 MVS B . -16.05 5.18 -5.89
O01 MVS B . -10.36 2.49 -0.03
O02 MVS B . -11.29 4.56 1.40
O03 MVS B . -13.59 5.79 0.75
H05 MVS B . -9.49 2.46 -1.80
H06 MVS B . -10.26 0.90 -1.20
H07 MVS B . -8.69 1.52 -0.44
H14 MVS B . -14.94 4.69 -1.33
H16 MVS B . -15.15 6.75 -4.97
H01 MVS B . -16.96 0.00 -6.05
H02 MVS B . -15.53 0.89 -4.28
H04 MVS B . -11.93 1.77 -2.14
H09 MVS B . -10.41 6.17 2.15
H08 MVS B . -9.58 5.32 0.76
H10 MVS B . -11.10 6.29 0.46
H13 MVS B . -15.50 5.36 0.98
H11 MVS B . -15.03 6.52 -0.38
H12 MVS B . -14.97 7.07 1.38
H15 MVS B . -14.04 5.42 -3.21
H17 MVS B . -17.52 3.95 -7.65
H03 MVS B . -14.39 1.73 -3.01
#